data_5VYS
#
_entry.id   5VYS
#
_cell.length_a   65.927
_cell.length_b   65.927
_cell.length_c   234.700
_cell.angle_alpha   90.00
_cell.angle_beta   90.00
_cell.angle_gamma   90.00
#
_symmetry.space_group_name_H-M   'P 43 21 2'
#
loop_
_entity.id
_entity.type
_entity.pdbx_description
1 polymer 'Gdp-mannose 4,6-dehydratase / gdp-4-amino-4,6-dideoxy-d-mannose formyltransferase'
2 non-polymer 'N-[4-({[(6R)-2-amino-4-oxo-3,4,5,6,7,8-hexahydropteridin-6-yl]methyl}amino)benzoyl]-L-glutamic acid'
3 non-polymer 1,2-ETHANEDIOL
4 non-polymer "GUANOSINE-5'-DIPHOSPHATE"
5 non-polymer GUANOSINE
6 water water
#
_entity_poly.entity_id   1
_entity_poly.type   'polypeptide(L)'
_entity_poly.pdbx_seq_one_letter_code
;GHMAIAPNTRVLVAGYGLPAEFCVTTLIGMGVEIDKIAVATHREDNRNSGLHSMLRLRNIQFTTAAANSEEFYEFGANFA
PDMIISMHYRSLIPGRFLKLAKKGSVNLHPSLLPAYRGTNSVAWVIINGESETGFSYHRMDENFDTGAILLQERISVEET
DTAFSLFHRQIARAMLRLEEVILKLDQGDPGFAQLGEASYYARELPFGGVIDPRWSEVQIDRFIRAMFFPPFPPAVLKID
GKVYYVPSIDIYRSLMRGIPS
;
_entity_poly.pdbx_strand_id   A,B
#
# COMPACT_ATOMS: atom_id res chain seq x y z
N ALA A 4 17.05 -10.99 -7.32
CA ALA A 4 17.61 -10.53 -5.99
C ALA A 4 18.42 -9.24 -6.16
N ILE A 5 18.07 -8.23 -5.38
CA ILE A 5 18.83 -6.99 -5.33
C ILE A 5 20.25 -7.25 -4.74
N ALA A 6 21.29 -6.63 -5.33
CA ALA A 6 22.66 -6.76 -4.81
C ALA A 6 22.75 -6.66 -3.24
N PRO A 7 23.53 -7.57 -2.60
CA PRO A 7 23.66 -7.42 -1.12
C PRO A 7 24.37 -6.11 -0.70
N ASN A 8 24.02 -5.60 0.48
CA ASN A 8 24.57 -4.32 0.97
C ASN A 8 24.26 -3.09 0.07
N THR A 9 23.25 -3.22 -0.78
CA THR A 9 22.77 -2.08 -1.52
C THR A 9 22.12 -1.12 -0.52
N ARG A 10 22.36 0.16 -0.70
CA ARG A 10 21.93 1.18 0.26
C ARG A 10 20.93 2.05 -0.43
N VAL A 11 19.74 2.17 0.14
CA VAL A 11 18.61 2.81 -0.53
C VAL A 11 18.01 3.93 0.29
N LEU A 12 18.01 5.12 -0.27
CA LEU A 12 17.41 6.26 0.35
C LEU A 12 16.09 6.55 -0.36
N VAL A 13 15.00 6.59 0.39
CA VAL A 13 13.69 6.84 -0.16
C VAL A 13 13.40 8.29 0.19
N ALA A 14 13.17 9.10 -0.83
CA ALA A 14 12.65 10.46 -0.65
C ALA A 14 11.17 10.41 -1.02
N GLY A 15 10.31 10.68 -0.06
CA GLY A 15 8.93 10.47 -0.35
C GLY A 15 7.94 10.78 0.71
N TYR A 16 6.70 10.47 0.39
CA TYR A 16 5.60 10.98 1.19
C TYR A 16 4.37 10.06 1.08
N GLY A 17 3.78 9.76 2.23
CA GLY A 17 2.53 9.00 2.26
C GLY A 17 2.70 7.54 1.97
N LEU A 18 1.58 6.92 1.63
CA LEU A 18 1.52 5.50 1.40
C LEU A 18 2.49 5.02 0.32
N PRO A 19 2.67 5.77 -0.77
CA PRO A 19 3.63 5.23 -1.73
C PRO A 19 5.05 4.99 -1.10
N ALA A 20 5.45 5.85 -0.17
CA ALA A 20 6.74 5.72 0.46
C ALA A 20 6.69 4.60 1.46
N GLU A 21 5.63 4.53 2.27
CA GLU A 21 5.48 3.42 3.21
C GLU A 21 5.48 2.09 2.48
N PHE A 22 4.81 2.07 1.34
CA PHE A 22 4.79 0.85 0.55
C PHE A 22 6.13 0.58 -0.09
N CYS A 23 6.85 1.63 -0.47
CA CYS A 23 8.22 1.44 -0.97
C CYS A 23 9.11 0.78 0.07
N VAL A 24 9.08 1.28 1.28
CA VAL A 24 9.87 0.78 2.39
C VAL A 24 9.51 -0.69 2.67
N THR A 25 8.21 -0.95 2.72
CA THR A 25 7.71 -2.30 2.85
C THR A 25 8.32 -3.23 1.80
N THR A 26 8.36 -2.73 0.55
CA THR A 26 8.83 -3.49 -0.57
C THR A 26 10.32 -3.75 -0.44
N LEU A 27 11.06 -2.74 -0.06
CA LEU A 27 12.53 -2.90 0.12
C LEU A 27 12.78 -3.92 1.21
N ILE A 28 12.03 -3.85 2.31
CA ILE A 28 12.23 -4.82 3.36
C ILE A 28 11.95 -6.23 2.85
N GLY A 29 10.88 -6.36 2.07
CA GLY A 29 10.51 -7.66 1.53
C GLY A 29 11.53 -8.19 0.55
N MET A 30 12.24 -7.27 -0.09
CA MET A 30 13.36 -7.63 -0.96
C MET A 30 14.65 -7.99 -0.25
N GLY A 31 14.67 -7.86 1.07
CA GLY A 31 15.89 -8.19 1.81
C GLY A 31 16.87 -7.04 2.12
N VAL A 32 16.45 -5.80 1.86
CA VAL A 32 17.21 -4.63 2.26
C VAL A 32 17.04 -4.40 3.79
N GLU A 33 18.14 -4.41 4.54
CA GLU A 33 18.13 -4.31 6.00
C GLU A 33 17.87 -2.88 6.44
N ILE A 34 17.43 -2.71 7.69
CA ILE A 34 17.00 -1.39 8.22
C ILE A 34 18.08 -0.29 8.11
N ASP A 35 19.29 -0.64 8.52
CA ASP A 35 20.41 0.29 8.50
C ASP A 35 20.91 0.59 7.05
N LYS A 36 20.41 -0.11 6.05
CA LYS A 36 20.66 0.19 4.64
C LYS A 36 19.48 0.88 3.98
N ILE A 37 18.53 1.35 4.79
CA ILE A 37 17.41 2.19 4.29
C ILE A 37 17.43 3.50 5.05
N ALA A 38 17.23 4.58 4.33
CA ALA A 38 17.06 5.88 4.97
C ALA A 38 15.97 6.56 4.25
N VAL A 39 15.23 7.40 5.00
CA VAL A 39 14.07 8.10 4.44
C VAL A 39 14.15 9.61 4.54
N ALA A 40 14.04 10.27 3.40
CA ALA A 40 13.84 11.72 3.42
C ALA A 40 12.37 12.00 3.13
N THR A 41 11.74 12.71 4.05
CA THR A 41 10.32 13.01 3.94
C THR A 41 10.00 14.41 4.40
N HIS A 42 8.70 14.74 4.42
CA HIS A 42 8.19 15.97 5.02
C HIS A 42 7.63 15.65 6.36
N ARG A 43 7.11 16.68 7.02
CA ARG A 43 6.54 16.56 8.36
C ARG A 43 5.41 15.59 8.37
N GLU A 44 5.14 15.06 9.55
CA GLU A 44 4.03 14.20 9.77
C GLU A 44 2.74 15.02 9.56
N ASP A 45 1.88 14.57 8.66
CA ASP A 45 0.61 15.23 8.46
C ASP A 45 -0.46 14.15 8.23
N ASN A 46 -1.62 14.52 7.71
CA ASN A 46 -2.75 13.58 7.53
CA ASN A 46 -2.73 13.55 7.59
C ASN A 46 -2.57 12.65 6.37
N ARG A 47 -1.59 12.94 5.52
CA ARG A 47 -1.24 11.98 4.48
C ARG A 47 0.01 11.18 4.88
N ASN A 48 0.80 11.64 5.85
CA ASN A 48 2.16 11.13 6.04
C ASN A 48 2.38 10.45 7.38
N SER A 49 1.33 10.18 8.16
CA SER A 49 1.58 9.65 9.48
C SER A 49 1.75 8.11 9.44
N GLY A 50 1.28 7.49 8.37
CA GLY A 50 1.59 6.08 8.11
C GLY A 50 3.09 5.88 7.98
N LEU A 51 3.70 6.69 7.11
CA LEU A 51 5.15 6.67 6.91
C LEU A 51 5.93 7.04 8.20
N HIS A 52 5.59 8.14 8.85
CA HIS A 52 6.24 8.51 10.09
C HIS A 52 6.13 7.45 11.16
N SER A 53 5.00 6.77 11.23
CA SER A 53 4.81 5.76 12.26
C SER A 53 5.71 4.59 12.05
N MET A 54 5.84 4.21 10.79
CA MET A 54 6.71 3.11 10.41
C MET A 54 8.19 3.42 10.70
N LEU A 55 8.60 4.63 10.39
CA LEU A 55 9.95 5.09 10.66
C LEU A 55 10.25 5.06 12.14
N ARG A 56 9.31 5.52 12.97
CA ARG A 56 9.50 5.48 14.41
C ARG A 56 9.53 4.03 14.94
N LEU A 57 8.58 3.21 14.49
CA LEU A 57 8.46 1.87 15.00
C LEU A 57 9.66 1.04 14.71
N ARG A 58 10.13 1.10 13.47
CA ARG A 58 11.24 0.27 13.00
C ARG A 58 12.63 0.90 13.15
N ASN A 59 12.72 2.11 13.75
CA ASN A 59 13.97 2.86 13.93
C ASN A 59 14.77 3.05 12.63
N ILE A 60 14.06 3.47 11.59
CA ILE A 60 14.65 3.78 10.30
C ILE A 60 15.02 5.23 10.37
N GLN A 61 16.27 5.49 10.03
CA GLN A 61 16.79 6.83 10.06
C GLN A 61 16.03 7.65 9.03
N PHE A 62 15.73 8.88 9.38
CA PHE A 62 15.01 9.75 8.46
C PHE A 62 15.31 11.20 8.75
N THR A 63 15.00 12.02 7.75
CA THR A 63 14.98 13.44 7.91
C THR A 63 13.68 14.04 7.37
N THR A 64 13.28 15.15 7.98
CA THR A 64 12.19 15.97 7.45
C THR A 64 12.73 17.34 7.07
N ALA A 65 14.03 17.46 6.90
CA ALA A 65 14.58 18.79 6.63
C ALA A 65 14.26 19.14 5.17
N ALA A 66 14.10 20.44 4.89
CA ALA A 66 13.76 20.89 3.54
C ALA A 66 14.82 20.47 2.56
N ALA A 67 14.35 20.08 1.38
CA ALA A 67 15.17 19.60 0.28
C ALA A 67 16.37 20.45 -0.09
N ASN A 68 16.23 21.75 0.05
CA ASN A 68 17.32 22.71 -0.24
C ASN A 68 18.23 23.04 0.94
N SER A 69 18.07 22.36 2.07
CA SER A 69 18.79 22.73 3.28
C SER A 69 20.09 21.91 3.40
N GLU A 70 21.08 22.48 4.10
CA GLU A 70 22.32 21.76 4.37
C GLU A 70 22.08 20.48 5.18
N GLU A 71 21.15 20.56 6.10
CA GLU A 71 20.72 19.39 6.85
C GLU A 71 20.30 18.20 5.98
N PHE A 72 19.50 18.49 4.95
CA PHE A 72 19.02 17.47 4.01
C PHE A 72 20.20 16.85 3.28
N TYR A 73 21.00 17.72 2.66
CA TYR A 73 22.21 17.27 1.99
C TYR A 73 23.01 16.35 2.89
N GLU A 74 23.20 16.80 4.12
CA GLU A 74 24.05 16.11 5.04
C GLU A 74 23.51 14.73 5.42
N PHE A 75 22.19 14.64 5.54
CA PHE A 75 21.55 13.36 5.79
C PHE A 75 21.83 12.36 4.64
N GLY A 76 21.71 12.84 3.42
CA GLY A 76 22.05 12.00 2.28
C GLY A 76 23.54 11.64 2.24
N ALA A 77 24.40 12.68 2.33
CA ALA A 77 25.86 12.44 2.25
C ALA A 77 26.29 11.39 3.26
N ASN A 78 25.88 11.63 4.50
CA ASN A 78 26.22 10.77 5.59
C ASN A 78 25.71 9.34 5.45
N PHE A 79 24.56 9.13 4.80
CA PHE A 79 24.01 7.79 4.61
C PHE A 79 24.74 7.06 3.47
N ALA A 80 25.08 7.81 2.42
CA ALA A 80 25.82 7.30 1.25
C ALA A 80 24.97 6.27 0.49
N PRO A 81 23.90 6.76 -0.20
CA PRO A 81 23.00 5.86 -0.92
C PRO A 81 23.64 5.30 -2.14
N ASP A 82 23.35 4.05 -2.49
CA ASP A 82 23.61 3.56 -3.84
C ASP A 82 22.56 4.07 -4.81
N MET A 83 21.30 4.17 -4.36
CA MET A 83 20.21 4.67 -5.16
C MET A 83 19.22 5.49 -4.32
N ILE A 84 18.61 6.46 -4.99
CA ILE A 84 17.52 7.26 -4.46
C ILE A 84 16.19 6.95 -5.16
N ILE A 85 15.17 6.65 -4.39
CA ILE A 85 13.82 6.44 -4.90
C ILE A 85 12.90 7.56 -4.38
N SER A 86 12.39 8.38 -5.28
CA SER A 86 11.44 9.41 -4.93
C SER A 86 10.00 8.90 -5.11
N MET A 87 9.30 8.75 -3.98
CA MET A 87 7.91 8.30 -3.94
C MET A 87 6.96 9.37 -3.40
N HIS A 88 6.46 10.18 -4.34
CA HIS A 88 5.64 11.38 -4.07
C HIS A 88 6.31 12.40 -3.17
N TYR A 89 7.65 12.46 -3.21
CA TYR A 89 8.37 13.57 -2.58
C TYR A 89 7.87 14.83 -3.26
N ARG A 90 7.66 15.91 -2.52
CA ARG A 90 6.95 17.11 -3.05
C ARG A 90 7.89 18.29 -3.30
N SER A 91 9.20 18.12 -3.15
CA SER A 91 10.15 19.19 -3.44
C SER A 91 11.13 18.78 -4.55
N LEU A 92 11.71 19.79 -5.18
CA LEU A 92 12.84 19.55 -6.05
C LEU A 92 14.03 19.09 -5.21
N ILE A 93 14.66 18.03 -5.68
CA ILE A 93 15.78 17.45 -4.99
C ILE A 93 17.01 18.03 -5.72
N PRO A 94 17.91 18.68 -4.99
CA PRO A 94 19.02 19.31 -5.66
C PRO A 94 19.90 18.29 -6.39
N GLY A 95 20.47 18.74 -7.50
CA GLY A 95 21.40 17.96 -8.28
C GLY A 95 22.50 17.35 -7.45
N ARG A 96 23.05 18.13 -6.51
CA ARG A 96 24.17 17.62 -5.69
C ARG A 96 23.76 16.52 -4.74
N PHE A 97 22.49 16.48 -4.37
CA PHE A 97 21.98 15.35 -3.62
C PHE A 97 21.86 14.06 -4.48
N LEU A 98 21.30 14.19 -5.66
CA LEU A 98 21.15 13.08 -6.57
C LEU A 98 22.49 12.50 -6.94
N LYS A 99 23.45 13.36 -7.22
CA LYS A 99 24.86 12.98 -7.37
C LYS A 99 25.39 11.96 -6.34
N LEU A 100 24.87 11.96 -5.13
CA LEU A 100 25.36 11.03 -4.10
C LEU A 100 25.14 9.60 -4.47
N ALA A 101 24.05 9.32 -5.19
CA ALA A 101 23.67 7.95 -5.43
C ALA A 101 24.38 7.47 -6.69
N LYS A 102 25.26 6.47 -6.54
CA LYS A 102 26.07 6.01 -7.69
C LYS A 102 25.27 5.32 -8.80
N LYS A 103 24.22 4.62 -8.42
CA LYS A 103 23.30 4.01 -9.38
C LYS A 103 22.15 4.95 -9.78
N GLY A 104 22.14 6.17 -9.25
CA GLY A 104 21.20 7.21 -9.68
C GLY A 104 19.87 7.07 -8.96
N SER A 105 18.81 7.53 -9.60
CA SER A 105 17.60 7.71 -8.91
C SER A 105 16.39 7.33 -9.75
N VAL A 106 15.24 7.17 -9.09
CA VAL A 106 13.98 7.09 -9.83
C VAL A 106 12.87 7.82 -9.12
N ASN A 107 11.98 8.39 -9.91
CA ASN A 107 10.82 9.11 -9.40
C ASN A 107 9.56 8.58 -10.03
N LEU A 108 8.50 8.50 -9.24
CA LEU A 108 7.17 8.13 -9.72
C LEU A 108 6.36 9.37 -10.09
N HIS A 109 6.06 9.55 -11.37
CA HIS A 109 5.20 10.63 -11.81
C HIS A 109 3.92 10.03 -12.37
N PRO A 110 2.74 10.54 -11.95
CA PRO A 110 1.45 9.98 -12.42
C PRO A 110 0.93 10.47 -13.80
N SER A 111 1.78 10.49 -14.81
CA SER A 111 1.32 10.63 -16.19
C SER A 111 2.26 9.85 -17.09
N LEU A 112 1.93 9.87 -18.38
CA LEU A 112 2.76 9.30 -19.41
C LEU A 112 3.66 10.42 -19.93
N LEU A 113 4.76 10.65 -19.24
CA LEU A 113 5.68 11.76 -19.55
C LEU A 113 6.23 11.60 -20.96
N PRO A 114 6.55 12.69 -21.68
CA PRO A 114 6.53 14.08 -21.22
C PRO A 114 5.15 14.76 -21.17
N ALA A 115 4.09 14.07 -21.56
CA ALA A 115 2.76 14.58 -21.35
C ALA A 115 2.45 14.79 -19.85
N TYR A 116 1.69 15.82 -19.55
CA TYR A 116 1.23 16.13 -18.21
C TYR A 116 2.33 16.25 -17.16
N ARG A 117 3.41 16.95 -17.52
CA ARG A 117 4.34 17.44 -16.50
C ARG A 117 3.62 18.38 -15.50
N GLY A 118 4.21 18.53 -14.32
CA GLY A 118 3.71 19.45 -13.33
C GLY A 118 2.88 18.78 -12.25
N THR A 119 1.79 19.44 -11.87
CA THR A 119 0.94 19.02 -10.78
C THR A 119 -0.51 18.89 -11.31
N ASN A 120 -1.40 18.35 -10.47
CA ASN A 120 -2.83 18.08 -10.81
C ASN A 120 -3.02 17.25 -12.08
N SER A 121 -2.11 16.31 -12.31
CA SER A 121 -2.14 15.51 -13.52
C SER A 121 -3.44 14.75 -13.67
N VAL A 122 -3.91 14.15 -12.58
CA VAL A 122 -5.11 13.34 -12.67
C VAL A 122 -6.32 14.22 -12.96
N ALA A 123 -6.42 15.37 -12.30
CA ALA A 123 -7.51 16.31 -12.59
C ALA A 123 -7.49 16.85 -14.04
N TRP A 124 -6.33 17.26 -14.48
CA TRP A 124 -6.20 17.78 -15.84
C TRP A 124 -6.43 16.73 -16.96
N VAL A 125 -5.99 15.48 -16.75
CA VAL A 125 -6.32 14.37 -17.63
C VAL A 125 -7.84 14.20 -17.80
N ILE A 126 -8.59 14.36 -16.71
CA ILE A 126 -10.02 14.15 -16.78
C ILE A 126 -10.70 15.32 -17.49
N ILE A 127 -10.33 16.54 -17.11
CA ILE A 127 -10.91 17.74 -17.74
C ILE A 127 -10.71 17.69 -19.22
N ASN A 128 -9.49 17.35 -19.64
CA ASN A 128 -9.13 17.34 -21.05
C ASN A 128 -9.74 16.23 -21.85
N GLY A 129 -10.46 15.32 -21.19
CA GLY A 129 -11.17 14.28 -21.88
C GLY A 129 -10.28 13.16 -22.34
N GLU A 130 -9.15 12.93 -21.67
CA GLU A 130 -8.25 11.85 -22.04
C GLU A 130 -8.97 10.54 -21.75
N SER A 131 -8.76 9.57 -22.62
CA SER A 131 -9.28 8.21 -22.43
C SER A 131 -8.24 7.28 -21.81
N GLU A 132 -6.98 7.65 -21.92
CA GLU A 132 -5.91 6.95 -21.24
C GLU A 132 -4.97 7.93 -20.60
N THR A 133 -4.39 7.51 -19.51
CA THR A 133 -3.26 8.21 -18.93
C THR A 133 -2.31 7.10 -18.53
N GLY A 134 -1.55 7.28 -17.46
CA GLY A 134 -0.65 6.24 -16.97
C GLY A 134 0.36 6.78 -15.99
N PHE A 135 1.38 5.99 -15.68
CA PHE A 135 2.47 6.48 -14.82
C PHE A 135 3.83 6.22 -15.43
N SER A 136 4.78 7.06 -15.03
CA SER A 136 6.13 7.01 -15.55
C SER A 136 7.05 6.92 -14.35
N TYR A 137 7.78 5.82 -14.24
CA TYR A 137 8.89 5.73 -13.32
C TYR A 137 10.15 6.16 -14.07
N HIS A 138 10.70 7.32 -13.71
CA HIS A 138 11.80 7.95 -14.49
C HIS A 138 13.00 8.42 -13.68
N ARG A 139 14.18 8.27 -14.24
CA ARG A 139 15.39 8.75 -13.58
C ARG A 139 15.23 10.24 -13.42
N MET A 140 15.63 10.75 -12.28
CA MET A 140 15.65 12.19 -12.07
C MET A 140 16.98 12.82 -12.52
N ASP A 141 16.83 13.98 -13.15
CA ASP A 141 17.89 14.95 -13.37
C ASP A 141 17.59 16.19 -12.46
N GLU A 142 18.23 17.34 -12.71
CA GLU A 142 18.09 18.51 -11.81
C GLU A 142 16.76 19.27 -11.97
N ASN A 143 16.03 18.96 -13.04
CA ASN A 143 14.70 19.54 -13.32
C ASN A 143 13.56 18.58 -12.92
N PHE A 144 12.36 19.13 -12.74
CA PHE A 144 11.15 18.29 -12.55
C PHE A 144 10.77 17.58 -13.87
N ASP A 145 10.59 16.25 -13.79
CA ASP A 145 9.76 15.48 -14.74
C ASP A 145 10.40 15.24 -16.11
N THR A 146 11.71 15.47 -16.22
CA THR A 146 12.43 15.48 -17.50
C THR A 146 13.34 14.30 -17.76
N GLY A 147 13.73 13.57 -16.73
CA GLY A 147 14.71 12.48 -16.93
C GLY A 147 14.22 11.24 -17.66
N ALA A 148 15.13 10.32 -17.90
CA ALA A 148 14.85 9.11 -18.67
C ALA A 148 13.85 8.13 -18.05
N ILE A 149 13.05 7.49 -18.91
CA ILE A 149 11.99 6.59 -18.52
C ILE A 149 12.51 5.16 -18.26
N LEU A 150 12.28 4.64 -17.06
CA LEU A 150 12.57 3.24 -16.75
C LEU A 150 11.39 2.33 -17.02
N LEU A 151 10.20 2.84 -16.68
CA LEU A 151 9.00 2.07 -16.82
C LEU A 151 7.81 2.95 -16.87
N GLN A 152 6.92 2.60 -17.81
CA GLN A 152 5.65 3.23 -17.99
C GLN A 152 4.60 2.16 -18.07
N GLU A 153 3.40 2.49 -17.59
CA GLU A 153 2.21 1.62 -17.71
C GLU A 153 1.01 2.49 -17.99
N ARG A 154 0.08 1.95 -18.75
CA ARG A 154 -1.06 2.69 -19.21
C ARG A 154 -2.21 2.41 -18.27
N ILE A 155 -3.01 3.44 -18.02
CA ILE A 155 -4.21 3.33 -17.18
C ILE A 155 -5.40 3.86 -17.96
N SER A 156 -6.38 3.02 -18.14
CA SER A 156 -7.56 3.46 -18.85
C SER A 156 -8.30 4.49 -17.99
N VAL A 157 -8.66 5.63 -18.58
CA VAL A 157 -9.53 6.60 -17.89
C VAL A 157 -11.03 6.41 -18.27
N GLU A 158 -11.82 5.87 -17.35
CA GLU A 158 -13.22 5.56 -17.58
C GLU A 158 -14.14 6.80 -17.50
N GLU A 159 -15.31 6.72 -18.13
CA GLU A 159 -16.31 7.78 -18.08
C GLU A 159 -16.82 8.04 -16.66
N THR A 160 -16.72 7.07 -15.76
CA THR A 160 -17.12 7.28 -14.35
C THR A 160 -16.00 7.79 -13.40
N ASP A 161 -14.77 7.88 -13.90
CA ASP A 161 -13.61 8.21 -13.10
C ASP A 161 -13.67 9.63 -12.58
N THR A 162 -13.29 9.82 -11.32
CA THR A 162 -13.10 11.14 -10.74
C THR A 162 -11.62 11.36 -10.59
N ALA A 163 -11.18 12.59 -10.33
CA ALA A 163 -9.83 12.80 -9.86
C ALA A 163 -9.50 11.85 -8.67
N PHE A 164 -10.48 11.57 -7.86
CA PHE A 164 -10.31 10.80 -6.66
C PHE A 164 -10.01 9.38 -7.00
N SER A 165 -10.86 8.77 -7.81
CA SER A 165 -10.67 7.38 -8.18
C SER A 165 -9.35 7.27 -8.93
N LEU A 166 -9.09 8.18 -9.84
CA LEU A 166 -7.91 8.06 -10.66
C LEU A 166 -6.63 8.31 -9.87
N PHE A 167 -6.68 9.21 -8.92
CA PHE A 167 -5.53 9.43 -8.07
C PHE A 167 -5.16 8.16 -7.34
N HIS A 168 -6.16 7.50 -6.79
CA HIS A 168 -5.98 6.26 -6.05
C HIS A 168 -5.64 5.06 -6.92
N ARG A 169 -6.20 4.93 -8.12
CA ARG A 169 -5.80 3.82 -8.95
C ARG A 169 -4.32 3.95 -9.37
N GLN A 170 -3.90 5.20 -9.60
CA GLN A 170 -2.51 5.54 -9.99
C GLN A 170 -1.54 5.00 -9.00
N ILE A 171 -1.82 5.30 -7.73
CA ILE A 171 -0.96 4.87 -6.66
C ILE A 171 -0.94 3.33 -6.65
N ALA A 172 -2.13 2.73 -6.60
CA ALA A 172 -2.27 1.28 -6.50
C ALA A 172 -1.46 0.56 -7.57
N ARG A 173 -1.76 0.88 -8.82
CA ARG A 173 -1.13 0.23 -9.95
C ARG A 173 0.36 0.50 -9.99
N ALA A 174 0.79 1.70 -9.61
CA ALA A 174 2.23 2.00 -9.60
C ALA A 174 2.96 1.15 -8.56
N MET A 175 2.36 0.98 -7.39
CA MET A 175 2.97 0.19 -6.33
C MET A 175 3.26 -1.23 -6.80
N LEU A 176 2.42 -1.76 -7.68
CA LEU A 176 2.57 -3.15 -8.14
C LEU A 176 3.73 -3.34 -9.16
N ARG A 177 4.27 -2.25 -9.70
CA ARG A 177 5.40 -2.29 -10.64
C ARG A 177 6.71 -1.88 -10.00
N LEU A 178 6.68 -1.66 -8.70
CA LEU A 178 7.76 -0.94 -8.03
C LEU A 178 8.97 -1.83 -7.84
N GLU A 179 8.72 -3.02 -7.35
CA GLU A 179 9.79 -4.02 -7.20
C GLU A 179 10.58 -4.15 -8.51
N GLU A 180 9.87 -4.35 -9.61
CA GLU A 180 10.50 -4.40 -10.92
C GLU A 180 11.41 -3.19 -11.20
N VAL A 181 10.93 -2.01 -10.85
CA VAL A 181 11.66 -0.75 -11.04
C VAL A 181 12.91 -0.64 -10.17
N ILE A 182 12.78 -1.10 -8.92
CA ILE A 182 13.91 -1.19 -8.04
C ILE A 182 14.99 -2.12 -8.64
N LEU A 183 14.58 -3.26 -9.16
CA LEU A 183 15.51 -4.13 -9.86
C LEU A 183 16.14 -3.43 -11.09
N LYS A 184 15.42 -2.58 -11.81
CA LYS A 184 16.03 -1.92 -12.99
C LYS A 184 17.14 -0.96 -12.58
N LEU A 185 16.89 -0.18 -11.55
CA LEU A 185 17.90 0.69 -10.96
C LEU A 185 19.09 -0.09 -10.46
N ASP A 186 18.84 -1.22 -9.81
CA ASP A 186 19.88 -2.00 -9.25
C ASP A 186 20.80 -2.48 -10.35
N GLN A 187 20.19 -2.93 -11.44
CA GLN A 187 20.91 -3.57 -12.54
C GLN A 187 21.47 -2.56 -13.51
N GLY A 188 21.34 -1.27 -13.19
CA GLY A 188 21.86 -0.24 -14.04
C GLY A 188 21.15 0.03 -15.34
N ASP A 189 19.88 -0.37 -15.52
CA ASP A 189 19.14 -0.05 -16.73
C ASP A 189 19.08 1.50 -17.03
N PRO A 190 19.66 1.96 -18.16
CA PRO A 190 19.72 3.42 -18.40
C PRO A 190 18.40 4.08 -18.80
N GLY A 191 17.39 3.26 -19.14
CA GLY A 191 16.10 3.77 -19.58
C GLY A 191 16.16 4.35 -20.97
N PHE A 192 15.03 4.88 -21.41
CA PHE A 192 14.86 5.47 -22.74
C PHE A 192 14.39 6.92 -22.58
N ALA A 193 15.18 7.86 -23.08
CA ALA A 193 14.84 9.29 -23.06
C ALA A 193 13.44 9.60 -23.63
N GLN A 194 12.92 10.74 -23.23
CA GLN A 194 11.49 11.04 -23.38
C GLN A 194 11.19 11.59 -24.77
N LEU A 195 10.17 11.01 -25.42
CA LEU A 195 9.75 11.43 -26.76
C LEU A 195 8.21 11.67 -26.81
N GLY A 196 7.81 12.69 -27.58
CA GLY A 196 6.41 13.13 -27.67
C GLY A 196 6.33 14.60 -27.29
N GLU A 197 5.14 15.17 -27.43
CA GLU A 197 4.90 16.56 -27.06
C GLU A 197 4.82 16.69 -25.54
N ALA A 198 5.59 17.61 -24.99
CA ALA A 198 5.47 17.94 -23.59
C ALA A 198 4.17 18.72 -23.38
N SER A 199 3.53 18.50 -22.24
CA SER A 199 2.51 19.44 -21.72
C SER A 199 2.87 19.68 -20.26
N TYR A 200 2.45 20.84 -19.76
CA TYR A 200 2.68 21.23 -18.38
C TYR A 200 1.41 21.87 -17.83
N TYR A 201 1.01 21.46 -16.63
CA TYR A 201 -0.09 22.09 -15.93
C TYR A 201 0.28 22.47 -14.49
N ALA A 202 -0.22 23.63 -14.05
CA ALA A 202 0.17 24.25 -12.78
C ALA A 202 -0.62 23.79 -11.54
N ARG A 203 -0.15 24.29 -10.40
CA ARG A 203 -0.83 24.17 -9.11
C ARG A 203 -2.29 24.59 -9.25
N GLU A 204 -2.50 25.78 -9.79
CA GLU A 204 -3.81 26.44 -10.01
C GLU A 204 -5.00 25.48 -10.25
N LEU A 205 -6.00 25.55 -9.37
CA LEU A 205 -7.34 24.94 -9.60
C LEU A 205 -7.97 25.38 -10.94
N PRO A 206 -8.18 24.43 -11.86
CA PRO A 206 -8.74 24.80 -13.20
C PRO A 206 -10.06 25.59 -13.07
N PHE A 207 -10.13 26.76 -13.71
CA PHE A 207 -11.30 27.64 -13.71
C PHE A 207 -11.81 28.08 -12.33
N GLY A 208 -10.96 28.00 -11.31
CA GLY A 208 -11.37 28.26 -9.91
C GLY A 208 -12.53 27.40 -9.42
N GLY A 209 -12.62 26.18 -9.97
CA GLY A 209 -13.70 25.27 -9.63
C GLY A 209 -15.10 25.61 -10.08
N VAL A 210 -15.28 26.66 -10.89
CA VAL A 210 -16.64 27.08 -11.27
C VAL A 210 -17.05 26.57 -12.68
N ILE A 211 -18.24 25.95 -12.75
CA ILE A 211 -18.75 25.40 -14.00
C ILE A 211 -19.20 26.55 -14.91
N ASP A 212 -18.74 26.54 -16.15
CA ASP A 212 -19.28 27.39 -17.19
C ASP A 212 -20.46 26.70 -17.86
N PRO A 213 -21.65 27.31 -17.80
CA PRO A 213 -22.81 26.62 -18.40
C PRO A 213 -22.86 26.60 -19.93
N ARG A 214 -21.90 27.27 -20.60
CA ARG A 214 -21.76 27.22 -22.06
C ARG A 214 -21.07 25.98 -22.49
N TRP A 215 -20.27 25.40 -21.62
CA TRP A 215 -19.69 24.07 -21.88
C TRP A 215 -20.79 23.05 -22.27
N SER A 216 -20.44 22.10 -23.11
CA SER A 216 -21.29 20.94 -23.39
C SER A 216 -21.40 20.10 -22.15
N GLU A 217 -22.47 19.30 -22.12
CA GLU A 217 -22.70 18.32 -21.07
C GLU A 217 -21.48 17.42 -20.85
N VAL A 218 -20.84 17.02 -21.93
CA VAL A 218 -19.62 16.19 -21.86
C VAL A 218 -18.50 16.92 -21.14
N GLN A 219 -18.34 18.21 -21.40
CA GLN A 219 -17.31 18.99 -20.72
C GLN A 219 -17.63 19.17 -19.23
N ILE A 220 -18.90 19.49 -18.93
CA ILE A 220 -19.39 19.77 -17.58
C ILE A 220 -19.18 18.53 -16.73
N ASP A 221 -19.60 17.40 -17.26
CA ASP A 221 -19.43 16.14 -16.62
C ASP A 221 -17.97 15.88 -16.27
N ARG A 222 -17.06 16.12 -17.21
CA ARG A 222 -15.63 15.90 -16.96
C ARG A 222 -15.10 16.78 -15.86
N PHE A 223 -15.57 18.02 -15.86
CA PHE A 223 -15.13 19.00 -14.93
C PHE A 223 -15.61 18.65 -13.54
N ILE A 224 -16.86 18.23 -13.43
CA ILE A 224 -17.42 17.82 -12.15
C ILE A 224 -16.60 16.67 -11.58
N ARG A 225 -16.40 15.64 -12.41
CA ARG A 225 -15.60 14.48 -12.03
C ARG A 225 -14.17 14.84 -11.62
N ALA A 226 -13.55 15.77 -12.35
CA ALA A 226 -12.18 16.18 -12.09
C ALA A 226 -12.04 17.04 -10.83
N MET A 227 -13.13 17.70 -10.46
CA MET A 227 -13.18 18.44 -9.20
C MET A 227 -13.55 17.61 -7.98
N PHE A 228 -13.95 16.36 -8.17
CA PHE A 228 -14.37 15.49 -7.07
C PHE A 228 -13.14 14.87 -6.41
N PHE A 229 -12.85 15.32 -5.19
CA PHE A 229 -11.71 14.81 -4.41
C PHE A 229 -11.97 15.12 -2.96
N PRO A 230 -12.62 14.18 -2.26
CA PRO A 230 -12.88 14.41 -0.85
C PRO A 230 -11.56 14.59 -0.12
N PRO A 231 -11.48 15.57 0.77
CA PRO A 231 -12.65 16.31 1.32
C PRO A 231 -12.82 17.74 0.76
N PHE A 232 -12.11 18.01 -0.33
CA PHE A 232 -12.14 19.33 -0.92
C PHE A 232 -13.52 19.64 -1.49
N PRO A 233 -13.88 20.93 -1.52
CA PRO A 233 -15.16 21.26 -2.10
C PRO A 233 -15.24 20.83 -3.59
N PRO A 234 -16.43 20.36 -4.02
CA PRO A 234 -16.68 20.01 -5.41
C PRO A 234 -16.78 21.23 -6.33
N ALA A 235 -17.03 20.99 -7.59
CA ALA A 235 -17.30 22.06 -8.55
C ALA A 235 -18.48 22.90 -8.08
N VAL A 236 -18.46 24.16 -8.50
CA VAL A 236 -19.44 25.18 -8.17
C VAL A 236 -20.21 25.61 -9.43
N LEU A 237 -21.53 25.79 -9.33
CA LEU A 237 -22.33 26.42 -10.39
C LEU A 237 -23.00 27.72 -9.91
N LYS A 238 -22.93 28.78 -10.72
CA LYS A 238 -23.71 30.06 -10.51
C LYS A 238 -25.06 30.09 -11.23
N TYR A 244 -25.59 25.28 -6.05
CA TYR A 244 -24.24 25.84 -5.93
C TYR A 244 -23.07 24.81 -5.94
N TYR A 245 -23.07 23.85 -5.00
CA TYR A 245 -22.07 22.76 -4.96
C TYR A 245 -22.60 21.58 -5.73
N VAL A 246 -21.74 20.98 -6.59
CA VAL A 246 -22.18 20.09 -7.67
C VAL A 246 -21.20 18.91 -7.76
N PRO A 247 -21.43 17.87 -6.96
CA PRO A 247 -20.53 16.69 -6.92
C PRO A 247 -20.74 15.64 -8.04
N SER A 248 -21.92 15.67 -8.64
CA SER A 248 -22.28 14.71 -9.66
C SER A 248 -22.90 15.47 -10.82
N ILE A 249 -22.79 14.89 -12.01
CA ILE A 249 -23.58 15.36 -13.16
C ILE A 249 -25.12 15.29 -12.90
N ASP A 250 -25.62 14.28 -12.18
CA ASP A 250 -27.07 14.21 -11.79
C ASP A 250 -27.48 15.52 -11.15
N ILE A 251 -26.79 15.87 -10.08
CA ILE A 251 -27.09 17.09 -9.33
C ILE A 251 -27.05 18.33 -10.24
N TYR A 252 -26.13 18.38 -11.21
CA TYR A 252 -26.06 19.50 -12.22
C TYR A 252 -27.36 19.69 -12.97
N ARG A 253 -27.87 18.56 -13.48
CA ARG A 253 -29.09 18.55 -14.30
C ARG A 253 -30.28 19.08 -13.51
N SER A 254 -30.46 18.54 -12.31
CA SER A 254 -31.44 19.05 -11.38
C SER A 254 -31.34 20.55 -11.24
N LEU A 255 -30.20 21.05 -10.82
CA LEU A 255 -30.06 22.49 -10.73
C LEU A 255 -30.51 23.21 -12.03
N MET A 256 -30.27 22.60 -13.19
CA MET A 256 -30.79 23.13 -14.48
C MET A 256 -32.22 22.66 -14.80
N MET B 3 -14.60 -7.29 -15.17
CA MET B 3 -13.83 -6.06 -15.53
C MET B 3 -13.98 -4.95 -14.47
N ALA B 4 -15.22 -4.47 -14.25
CA ALA B 4 -15.51 -3.35 -13.31
C ALA B 4 -16.42 -3.82 -12.18
N ILE B 5 -16.29 -3.23 -11.00
CA ILE B 5 -17.15 -3.61 -9.90
C ILE B 5 -18.59 -3.13 -10.16
N ALA B 6 -19.60 -3.90 -9.73
CA ALA B 6 -20.97 -3.42 -9.83
C ALA B 6 -21.11 -2.06 -9.17
N PRO B 7 -21.73 -1.10 -9.88
CA PRO B 7 -21.89 0.22 -9.28
C PRO B 7 -22.82 0.14 -8.05
N ASN B 8 -22.63 1.03 -7.08
CA ASN B 8 -23.37 0.93 -5.84
C ASN B 8 -23.07 -0.32 -4.97
N THR B 9 -22.00 -1.06 -5.27
CA THR B 9 -21.48 -2.08 -4.39
C THR B 9 -21.02 -1.40 -3.13
N ARG B 10 -21.41 -1.94 -1.98
CA ARG B 10 -21.06 -1.36 -0.69
C ARG B 10 -20.11 -2.26 -0.03
N VAL B 11 -18.98 -1.71 0.37
CA VAL B 11 -17.85 -2.54 0.79
C VAL B 11 -17.43 -2.15 2.18
N LEU B 12 -17.39 -3.13 3.07
CA LEU B 12 -16.91 -2.90 4.45
C LEU B 12 -15.56 -3.60 4.58
N VAL B 13 -14.57 -2.81 4.99
CA VAL B 13 -13.22 -3.30 5.22
C VAL B 13 -13.02 -3.41 6.73
N ALA B 14 -12.76 -4.63 7.17
CA ALA B 14 -12.28 -4.91 8.50
C ALA B 14 -10.76 -5.06 8.36
N GLY B 15 -10.03 -4.10 8.88
CA GLY B 15 -8.63 -4.03 8.60
C GLY B 15 -7.82 -3.22 9.54
N TYR B 16 -6.51 -3.35 9.37
CA TYR B 16 -5.52 -2.76 10.25
C TYR B 16 -4.29 -2.45 9.43
N GLY B 17 -3.77 -1.25 9.59
CA GLY B 17 -2.50 -0.85 9.03
C GLY B 17 -2.45 -0.67 7.50
N LEU B 18 -1.24 -0.85 6.97
CA LEU B 18 -0.94 -0.63 5.56
C LEU B 18 -1.72 -1.51 4.60
N PRO B 19 -1.89 -2.78 4.91
CA PRO B 19 -2.73 -3.60 4.01
C PRO B 19 -4.14 -3.02 3.87
N ALA B 20 -4.68 -2.50 4.95
CA ALA B 20 -5.98 -1.87 4.92
C ALA B 20 -5.97 -0.55 4.15
N GLU B 21 -5.00 0.33 4.41
CA GLU B 21 -4.87 1.60 3.67
C GLU B 21 -4.78 1.34 2.18
N PHE B 22 -3.98 0.34 1.80
CA PHE B 22 -3.88 -0.11 0.44
C PHE B 22 -5.22 -0.63 -0.10
N CYS B 23 -5.97 -1.33 0.73
CA CYS B 23 -7.24 -1.86 0.33
C CYS B 23 -8.24 -0.75 0.10
N VAL B 24 -8.30 0.24 0.99
CA VAL B 24 -9.21 1.35 0.76
C VAL B 24 -8.79 2.17 -0.48
N THR B 25 -7.49 2.39 -0.63
CA THR B 25 -6.94 2.98 -1.85
C THR B 25 -7.40 2.23 -3.09
N THR B 26 -7.28 0.91 -3.07
CA THR B 26 -7.59 0.11 -4.23
C THR B 26 -9.10 0.23 -4.54
N LEU B 27 -9.92 0.15 -3.49
CA LEU B 27 -11.37 0.22 -3.72
C LEU B 27 -11.78 1.55 -4.33
N ILE B 28 -11.13 2.61 -3.90
CA ILE B 28 -11.43 3.96 -4.43
C ILE B 28 -10.98 4.04 -5.90
N GLY B 29 -9.85 3.41 -6.21
CA GLY B 29 -9.36 3.32 -7.54
C GLY B 29 -10.27 2.49 -8.42
N MET B 30 -11.00 1.56 -7.81
CA MET B 30 -11.99 0.75 -8.53
C MET B 30 -13.32 1.50 -8.70
N GLY B 31 -13.44 2.74 -8.23
CA GLY B 31 -14.62 3.56 -8.46
C GLY B 31 -15.71 3.32 -7.42
N VAL B 32 -15.39 2.64 -6.32
CA VAL B 32 -16.37 2.46 -5.26
C VAL B 32 -16.56 3.81 -4.59
N GLU B 33 -17.80 4.25 -4.48
CA GLU B 33 -18.08 5.56 -3.90
C GLU B 33 -17.69 5.63 -2.45
N ILE B 34 -17.35 6.82 -2.04
CA ILE B 34 -16.85 7.08 -0.70
C ILE B 34 -17.84 6.76 0.39
N ASP B 35 -19.12 6.97 0.11
CA ASP B 35 -20.15 6.63 1.09
C ASP B 35 -20.56 5.16 0.99
N LYS B 36 -19.99 4.43 0.04
CA LYS B 36 -20.15 2.99 -0.02
C LYS B 36 -18.91 2.25 0.45
N ILE B 37 -18.07 2.94 1.24
CA ILE B 37 -16.94 2.31 1.93
C ILE B 37 -17.12 2.54 3.42
N ALA B 38 -16.97 1.48 4.20
CA ALA B 38 -17.05 1.57 5.66
C ALA B 38 -15.92 0.78 6.19
N VAL B 39 -15.29 1.21 7.26
CA VAL B 39 -14.13 0.48 7.76
C VAL B 39 -14.31 0.12 9.21
N ALA B 40 -14.07 -1.13 9.56
CA ALA B 40 -13.86 -1.46 10.96
C ALA B 40 -12.38 -1.77 11.25
N THR B 41 -11.88 -1.18 12.31
CA THR B 41 -10.49 -1.28 12.64
C THR B 41 -10.33 -1.28 14.15
N HIS B 42 -9.09 -1.22 14.57
CA HIS B 42 -8.71 -1.15 15.95
C HIS B 42 -8.26 0.28 16.27
N ARG B 43 -7.90 0.52 17.53
CA ARG B 43 -7.54 1.84 17.97
C ARG B 43 -6.33 2.30 17.23
N GLU B 44 -6.10 3.59 17.25
CA GLU B 44 -4.98 4.12 16.53
C GLU B 44 -3.75 3.83 17.36
N ASP B 45 -2.85 3.03 16.82
CA ASP B 45 -1.57 2.75 17.46
C ASP B 45 -0.50 3.05 16.40
N ASN B 46 0.75 2.63 16.61
CA ASN B 46 1.84 2.91 15.66
C ASN B 46 1.95 2.12 14.34
N ARG B 47 0.99 1.23 14.11
CA ARG B 47 0.84 0.59 12.83
C ARG B 47 -0.42 1.00 12.10
N ASN B 48 -1.41 1.54 12.82
CA ASN B 48 -2.70 1.85 12.28
C ASN B 48 -2.86 3.34 12.05
N SER B 49 -1.85 4.13 12.35
CA SER B 49 -1.90 5.57 12.16
C SER B 49 -2.16 5.97 10.68
N GLY B 50 -1.60 5.23 9.74
CA GLY B 50 -1.83 5.56 8.30
C GLY B 50 -3.30 5.43 7.96
N LEU B 51 -3.91 4.33 8.41
CA LEU B 51 -5.32 4.02 8.16
C LEU B 51 -6.22 5.08 8.75
N HIS B 52 -6.05 5.31 10.05
CA HIS B 52 -6.85 6.28 10.74
C HIS B 52 -6.83 7.64 10.08
N SER B 53 -5.65 8.11 9.71
CA SER B 53 -5.50 9.45 9.13
C SER B 53 -6.24 9.52 7.81
N MET B 54 -6.22 8.44 7.03
CA MET B 54 -6.93 8.39 5.79
C MET B 54 -8.44 8.42 5.99
N LEU B 55 -8.94 7.69 6.99
CA LEU B 55 -10.38 7.60 7.24
C LEU B 55 -10.91 8.95 7.74
N ARG B 56 -10.13 9.65 8.57
CA ARG B 56 -10.50 10.99 8.96
C ARG B 56 -10.40 12.00 7.77
N LEU B 57 -9.28 11.96 7.04
CA LEU B 57 -9.06 12.87 5.93
C LEU B 57 -10.18 12.77 4.90
N ARG B 58 -10.51 11.55 4.51
CA ARG B 58 -11.53 11.33 3.48
C ARG B 58 -12.96 11.22 4.01
N ASN B 59 -13.14 11.40 5.31
CA ASN B 59 -14.44 11.25 5.94
C ASN B 59 -15.10 9.92 5.61
N ILE B 60 -14.35 8.84 5.82
CA ILE B 60 -14.84 7.51 5.63
C ILE B 60 -15.35 7.02 6.95
N GLN B 61 -16.59 6.57 6.97
CA GLN B 61 -17.17 6.14 8.23
C GLN B 61 -16.41 4.93 8.73
N PHE B 62 -16.20 4.90 10.04
CA PHE B 62 -15.47 3.80 10.65
C PHE B 62 -15.85 3.64 12.10
N THR B 63 -15.52 2.46 12.63
CA THR B 63 -15.66 2.09 14.04
C THR B 63 -14.33 1.46 14.50
N THR B 64 -14.03 1.63 15.78
CA THR B 64 -12.96 0.88 16.42
C THR B 64 -13.47 -0.08 17.48
N ALA B 65 -14.77 -0.29 17.53
CA ALA B 65 -15.36 -1.11 18.56
C ALA B 65 -14.90 -2.52 18.42
N ALA B 66 -14.91 -3.24 19.54
CA ALA B 66 -14.42 -4.59 19.56
C ALA B 66 -15.25 -5.53 18.67
N ALA B 67 -14.63 -6.56 18.07
CA ALA B 67 -15.36 -7.43 17.14
C ALA B 67 -16.58 -8.12 17.78
N ASN B 68 -16.46 -8.45 19.06
CA ASN B 68 -17.58 -9.04 19.79
C ASN B 68 -18.60 -8.09 20.36
N SER B 69 -18.46 -6.79 20.13
CA SER B 69 -19.36 -5.85 20.72
C SER B 69 -20.61 -5.61 19.86
N GLU B 70 -21.65 -5.17 20.56
CA GLU B 70 -22.90 -4.83 19.93
C GLU B 70 -22.71 -3.61 19.03
N GLU B 71 -21.93 -2.62 19.44
CA GLU B 71 -21.60 -1.46 18.57
C GLU B 71 -21.06 -1.87 17.18
N PHE B 72 -20.14 -2.83 17.16
CA PHE B 72 -19.57 -3.42 15.92
C PHE B 72 -20.68 -4.01 15.03
N TYR B 73 -21.52 -4.86 15.61
CA TYR B 73 -22.63 -5.43 14.86
C TYR B 73 -23.51 -4.34 14.30
N GLU B 74 -23.86 -3.35 15.11
CA GLU B 74 -24.64 -2.19 14.64
C GLU B 74 -23.96 -1.43 13.49
N PHE B 75 -22.67 -1.19 13.63
CA PHE B 75 -21.94 -0.52 12.63
C PHE B 75 -22.10 -1.23 11.28
N GLY B 76 -21.94 -2.54 11.30
CA GLY B 76 -22.13 -3.35 10.11
C GLY B 76 -23.56 -3.32 9.62
N ALA B 77 -24.52 -3.42 10.54
CA ALA B 77 -25.94 -3.48 10.17
C ALA B 77 -26.42 -2.19 9.52
N ASN B 78 -26.06 -1.06 10.09
CA ASN B 78 -26.42 0.21 9.51
C ASN B 78 -25.76 0.42 8.15
N PHE B 79 -24.55 -0.10 7.95
CA PHE B 79 -23.89 0.13 6.68
C PHE B 79 -24.49 -0.76 5.61
N ALA B 80 -24.87 -1.99 6.01
CA ALA B 80 -25.41 -2.98 5.07
C ALA B 80 -24.42 -3.26 3.92
N PRO B 81 -23.28 -3.90 4.24
CA PRO B 81 -22.31 -4.23 3.19
C PRO B 81 -22.85 -5.29 2.23
N ASP B 82 -22.46 -5.19 0.96
CA ASP B 82 -22.59 -6.34 0.05
C ASP B 82 -21.47 -7.34 0.31
N MET B 83 -20.27 -6.84 0.58
CA MET B 83 -19.09 -7.69 0.82
C MET B 83 -18.24 -7.15 1.89
N ILE B 84 -17.58 -8.06 2.59
CA ILE B 84 -16.65 -7.73 3.67
C ILE B 84 -15.27 -8.20 3.30
N ILE B 85 -14.30 -7.33 3.51
CA ILE B 85 -12.91 -7.64 3.21
C ILE B 85 -12.14 -7.50 4.50
N SER B 86 -11.59 -8.62 4.94
CA SER B 86 -10.70 -8.61 6.09
C SER B 86 -9.25 -8.49 5.59
N MET B 87 -8.61 -7.36 5.92
CA MET B 87 -7.24 -7.04 5.56
C MET B 87 -6.45 -6.73 6.82
N HIS B 88 -5.88 -7.81 7.36
CA HIS B 88 -5.09 -7.79 8.60
C HIS B 88 -5.85 -7.39 9.86
N TYR B 89 -7.18 -7.54 9.87
CA TYR B 89 -7.98 -7.33 11.07
C TYR B 89 -7.54 -8.37 12.08
N ARG B 90 -7.61 -8.06 13.36
CA ARG B 90 -6.86 -8.82 14.39
C ARG B 90 -7.76 -9.50 15.40
N SER B 91 -9.04 -9.67 15.04
CA SER B 91 -10.01 -10.28 15.94
C SER B 91 -10.85 -11.24 15.13
N LEU B 92 -11.38 -12.22 15.84
CA LEU B 92 -12.41 -13.12 15.27
C LEU B 92 -13.66 -12.30 14.98
N ILE B 93 -14.21 -12.46 13.79
CA ILE B 93 -15.32 -11.66 13.33
C ILE B 93 -16.52 -12.56 13.55
N PRO B 94 -17.49 -12.12 14.35
CA PRO B 94 -18.63 -12.99 14.59
C PRO B 94 -19.34 -13.39 13.31
N GLY B 95 -19.81 -14.62 13.31
CA GLY B 95 -20.64 -15.15 12.22
C GLY B 95 -21.79 -14.26 11.85
N ARG B 96 -22.48 -13.71 12.84
CA ARG B 96 -23.68 -12.89 12.53
C ARG B 96 -23.31 -11.63 11.78
N PHE B 97 -22.09 -11.16 12.00
CA PHE B 97 -21.56 -10.01 11.23
C PHE B 97 -21.25 -10.42 9.80
N LEU B 98 -20.59 -11.53 9.61
CA LEU B 98 -20.31 -12.03 8.28
C LEU B 98 -21.60 -12.24 7.52
N LYS B 99 -22.63 -12.77 8.19
CA LYS B 99 -23.91 -12.96 7.47
C LYS B 99 -24.52 -11.67 6.93
N LEU B 100 -24.07 -10.50 7.38
CA LEU B 100 -24.57 -9.24 6.85
C LEU B 100 -24.25 -8.96 5.37
N ALA B 101 -23.19 -9.56 4.84
CA ALA B 101 -22.74 -9.32 3.46
C ALA B 101 -23.25 -10.45 2.61
N LYS B 102 -24.11 -10.13 1.65
CA LYS B 102 -24.80 -11.20 0.88
C LYS B 102 -23.86 -11.81 -0.13
N LYS B 103 -22.87 -11.04 -0.57
CA LYS B 103 -21.80 -11.59 -1.38
C LYS B 103 -20.69 -12.26 -0.54
N GLY B 104 -20.89 -12.34 0.77
CA GLY B 104 -19.89 -12.93 1.66
C GLY B 104 -18.64 -12.07 1.84
N SER B 105 -17.51 -12.74 2.01
CA SER B 105 -16.32 -12.05 2.49
C SER B 105 -15.04 -12.69 2.04
N VAL B 106 -13.94 -12.01 2.37
CA VAL B 106 -12.62 -12.54 2.10
C VAL B 106 -11.64 -12.00 3.15
N ASN B 107 -10.66 -12.86 3.50
CA ASN B 107 -9.60 -12.52 4.42
C ASN B 107 -8.26 -12.91 3.80
N LEU B 108 -7.21 -12.15 4.09
CA LEU B 108 -5.89 -12.47 3.61
C LEU B 108 -5.08 -13.15 4.71
N HIS B 109 -4.59 -14.35 4.42
CA HIS B 109 -3.84 -15.11 5.40
C HIS B 109 -2.46 -15.41 4.83
N PRO B 110 -1.39 -15.23 5.62
CA PRO B 110 -0.03 -15.36 5.05
C PRO B 110 0.55 -16.79 5.03
N SER B 111 -0.21 -17.73 4.46
CA SER B 111 0.32 -19.06 4.17
C SER B 111 -0.49 -19.69 3.04
N LEU B 112 -0.11 -20.89 2.62
CA LEU B 112 -0.94 -21.69 1.67
C LEU B 112 -1.84 -22.58 2.45
N LEU B 113 -3.01 -22.07 2.79
CA LEU B 113 -3.98 -22.80 3.58
C LEU B 113 -4.35 -24.09 2.86
N PRO B 114 -4.49 -25.20 3.57
CA PRO B 114 -4.63 -25.28 5.01
C PRO B 114 -3.35 -25.42 5.79
N ALA B 115 -2.19 -25.27 5.13
CA ALA B 115 -0.93 -25.27 5.87
C ALA B 115 -0.89 -24.01 6.71
N TYR B 116 -0.20 -24.09 7.82
CA TYR B 116 0.04 -22.95 8.67
C TYR B 116 -1.24 -22.18 9.04
N ARG B 117 -2.23 -22.91 9.53
CA ARG B 117 -3.31 -22.28 10.24
C ARG B 117 -2.71 -21.73 11.54
N GLY B 118 -3.39 -20.76 12.12
CA GLY B 118 -2.87 -20.09 13.31
C GLY B 118 -2.22 -18.75 13.03
N THR B 119 -1.37 -18.36 13.97
CA THR B 119 -0.69 -17.11 13.98
C THR B 119 0.79 -17.39 13.78
N ASN B 120 1.58 -16.33 13.57
CA ASN B 120 3.02 -16.40 13.38
C ASN B 120 3.44 -17.30 12.22
N SER B 121 2.61 -17.36 11.19
CA SER B 121 2.88 -18.25 10.09
C SER B 121 4.23 -17.99 9.48
N VAL B 122 4.55 -16.72 9.28
CA VAL B 122 5.82 -16.31 8.69
C VAL B 122 7.03 -16.82 9.49
N ALA B 123 6.97 -16.72 10.80
CA ALA B 123 8.00 -17.28 11.67
C ALA B 123 8.11 -18.78 11.55
N TRP B 124 6.98 -19.47 11.65
CA TRP B 124 7.03 -20.94 11.61
C TRP B 124 7.49 -21.51 10.31
N VAL B 125 7.10 -20.90 9.20
CA VAL B 125 7.55 -21.28 7.85
C VAL B 125 9.07 -21.33 7.80
N ILE B 126 9.70 -20.24 8.24
CA ILE B 126 11.15 -20.16 8.38
C ILE B 126 11.72 -21.16 9.41
N ILE B 127 11.10 -21.29 10.58
CA ILE B 127 11.57 -22.27 11.56
C ILE B 127 11.57 -23.70 10.98
N ASN B 128 10.51 -24.10 10.31
CA ASN B 128 10.45 -25.43 9.70
C ASN B 128 11.28 -25.61 8.44
N GLY B 129 11.94 -24.56 7.96
CA GLY B 129 12.83 -24.73 6.81
C GLY B 129 12.07 -24.85 5.50
N GLU B 130 10.92 -24.20 5.39
CA GLU B 130 10.20 -24.18 4.12
C GLU B 130 11.02 -23.46 3.06
N SER B 131 11.07 -24.04 1.88
CA SER B 131 11.64 -23.37 0.73
C SER B 131 10.53 -22.62 -0.02
N GLU B 132 9.26 -22.95 0.29
CA GLU B 132 8.09 -22.32 -0.36
C GLU B 132 7.03 -22.03 0.66
N THR B 133 6.44 -20.85 0.58
CA THR B 133 5.20 -20.56 1.28
C THR B 133 4.21 -19.87 0.30
N GLY B 134 3.32 -19.07 0.81
CA GLY B 134 2.32 -18.37 -0.02
C GLY B 134 1.33 -17.58 0.80
N PHE B 135 0.36 -16.99 0.13
CA PHE B 135 -0.72 -16.29 0.80
C PHE B 135 -2.01 -16.84 0.27
N SER B 136 -3.06 -16.72 1.07
CA SER B 136 -4.36 -17.25 0.74
C SER B 136 -5.39 -16.19 1.01
N TYR B 137 -6.06 -15.80 -0.07
CA TYR B 137 -7.27 -14.97 0.03
C TYR B 137 -8.41 -15.98 0.14
N HIS B 138 -9.09 -15.99 1.28
CA HIS B 138 -10.11 -16.98 1.51
C HIS B 138 -11.36 -16.36 2.08
N ARG B 139 -12.50 -16.92 1.67
CA ARG B 139 -13.78 -16.56 2.31
C ARG B 139 -13.71 -16.87 3.78
N MET B 140 -14.38 -16.07 4.60
CA MET B 140 -14.42 -16.32 6.05
C MET B 140 -15.66 -17.11 6.46
N ASP B 141 -15.45 -18.17 7.23
CA ASP B 141 -16.56 -18.76 7.96
C ASP B 141 -16.35 -18.40 9.45
N GLU B 142 -16.99 -19.12 10.36
CA GLU B 142 -17.03 -18.79 11.79
C GLU B 142 -15.75 -18.99 12.56
N ASN B 143 -14.87 -19.82 12.00
CA ASN B 143 -13.54 -20.04 12.55
C ASN B 143 -12.49 -19.32 11.74
N PHE B 144 -11.35 -19.09 12.38
CA PHE B 144 -10.18 -18.63 11.71
C PHE B 144 -9.67 -19.69 10.72
N ASP B 145 -9.26 -19.22 9.54
CA ASP B 145 -8.34 -19.90 8.64
C ASP B 145 -8.93 -21.07 7.87
N THR B 146 -10.27 -21.19 7.85
CA THR B 146 -10.92 -22.41 7.35
C THR B 146 -11.78 -22.25 6.09
N GLY B 147 -12.18 -21.03 5.77
CA GLY B 147 -13.11 -20.86 4.65
C GLY B 147 -12.54 -21.10 3.25
N ALA B 148 -13.44 -21.20 2.29
CA ALA B 148 -13.08 -21.49 0.90
C ALA B 148 -12.04 -20.49 0.32
N ILE B 149 -11.13 -21.03 -0.48
CA ILE B 149 -10.03 -20.29 -1.06
C ILE B 149 -10.56 -19.53 -2.28
N LEU B 150 -10.32 -18.24 -2.37
CA LEU B 150 -10.56 -17.49 -3.62
C LEU B 150 -9.31 -17.42 -4.48
N LEU B 151 -8.17 -17.17 -3.86
CA LEU B 151 -6.92 -17.10 -4.59
C LEU B 151 -5.76 -17.39 -3.66
N GLN B 152 -4.85 -18.23 -4.14
CA GLN B 152 -3.59 -18.58 -3.48
C GLN B 152 -2.48 -18.38 -4.46
N GLU B 153 -1.35 -17.92 -3.98
CA GLU B 153 -0.16 -17.73 -4.81
C GLU B 153 1.06 -18.11 -3.98
N ARG B 154 2.03 -18.72 -4.66
CA ARG B 154 3.25 -19.18 -4.04
C ARG B 154 4.24 -18.04 -3.92
N ILE B 155 4.97 -18.07 -2.81
CA ILE B 155 6.08 -17.16 -2.55
C ILE B 155 7.24 -18.05 -2.14
N SER B 156 8.38 -17.90 -2.80
CA SER B 156 9.53 -18.71 -2.44
C SER B 156 10.21 -18.07 -1.21
N VAL B 157 10.65 -18.94 -0.28
CA VAL B 157 11.41 -18.57 0.93
C VAL B 157 12.91 -18.74 0.71
N GLU B 158 13.67 -17.65 0.87
CA GLU B 158 15.11 -17.68 0.62
C GLU B 158 15.85 -17.96 1.92
N GLU B 159 17.13 -18.29 1.81
CA GLU B 159 17.91 -18.72 2.98
C GLU B 159 18.28 -17.51 3.83
N THR B 160 18.17 -16.32 3.24
CA THR B 160 18.42 -15.09 3.95
C THR B 160 17.15 -14.43 4.49
N ASP B 161 15.99 -15.07 4.34
CA ASP B 161 14.75 -14.44 4.80
C ASP B 161 14.72 -14.41 6.30
N THR B 162 14.23 -13.32 6.86
CA THR B 162 13.90 -13.27 8.27
C THR B 162 12.39 -13.27 8.39
N ALA B 163 11.84 -13.42 9.58
CA ALA B 163 10.40 -13.12 9.74
C ALA B 163 10.05 -11.75 9.14
N PHE B 164 10.95 -10.80 9.35
CA PHE B 164 10.78 -9.43 8.97
C PHE B 164 10.71 -9.25 7.47
N SER B 165 11.69 -9.78 6.75
CA SER B 165 11.66 -9.67 5.31
C SER B 165 10.44 -10.43 4.78
N LEU B 166 10.20 -11.65 5.23
CA LEU B 166 9.10 -12.44 4.64
C LEU B 166 7.71 -11.83 4.91
N PHE B 167 7.54 -11.22 6.07
CA PHE B 167 6.26 -10.62 6.46
C PHE B 167 5.95 -9.47 5.55
N HIS B 168 6.98 -8.70 5.26
CA HIS B 168 6.80 -7.54 4.36
C HIS B 168 6.61 -7.98 2.89
N ARG B 169 7.33 -9.02 2.43
CA ARG B 169 7.09 -9.50 1.04
C ARG B 169 5.69 -10.08 0.85
N GLN B 170 5.20 -10.78 1.87
CA GLN B 170 3.82 -11.25 1.95
C GLN B 170 2.83 -10.14 1.70
N ILE B 171 3.01 -9.01 2.39
CA ILE B 171 2.11 -7.89 2.19
C ILE B 171 2.23 -7.41 0.77
N ALA B 172 3.45 -7.14 0.34
CA ALA B 172 3.66 -6.53 -0.94
C ALA B 172 3.09 -7.37 -2.07
N ARG B 173 3.43 -8.65 -2.08
CA ARG B 173 2.94 -9.60 -3.12
C ARG B 173 1.44 -9.77 -3.08
N ALA B 174 0.88 -9.90 -1.88
CA ALA B 174 -0.56 -10.14 -1.77
C ALA B 174 -1.33 -8.98 -2.42
N MET B 175 -0.81 -7.77 -2.29
CA MET B 175 -1.47 -6.59 -2.83
C MET B 175 -1.67 -6.64 -4.34
N LEU B 176 -0.75 -7.33 -5.02
CA LEU B 176 -0.82 -7.52 -6.45
C LEU B 176 -2.14 -8.10 -6.88
N ARG B 177 -2.66 -9.04 -6.07
CA ARG B 177 -3.81 -9.81 -6.48
C ARG B 177 -5.11 -9.29 -5.86
N LEU B 178 -5.05 -8.18 -5.15
CA LEU B 178 -6.21 -7.77 -4.38
C LEU B 178 -7.39 -7.40 -5.23
N GLU B 179 -7.14 -6.63 -6.28
CA GLU B 179 -8.21 -6.22 -7.21
C GLU B 179 -8.88 -7.47 -7.82
N GLU B 180 -8.12 -8.41 -8.40
CA GLU B 180 -8.73 -9.66 -8.92
CA GLU B 180 -8.69 -9.69 -8.90
C GLU B 180 -9.60 -10.34 -7.85
N VAL B 181 -9.13 -10.35 -6.62
CA VAL B 181 -9.89 -10.91 -5.51
C VAL B 181 -11.19 -10.14 -5.25
N ILE B 182 -11.13 -8.83 -5.26
CA ILE B 182 -12.33 -8.03 -5.02
C ILE B 182 -13.33 -8.32 -6.12
N LEU B 183 -12.85 -8.54 -7.34
CA LEU B 183 -13.69 -8.91 -8.47
C LEU B 183 -14.23 -10.29 -8.30
N LYS B 184 -13.41 -11.24 -7.88
CA LYS B 184 -13.95 -12.55 -7.65
C LYS B 184 -15.15 -12.44 -6.70
N LEU B 185 -15.03 -11.66 -5.63
CA LEU B 185 -16.15 -11.41 -4.71
C LEU B 185 -17.37 -10.75 -5.33
N ASP B 186 -17.13 -9.71 -6.12
CA ASP B 186 -18.18 -9.05 -6.88
C ASP B 186 -19.01 -10.03 -7.72
N GLN B 187 -18.29 -10.94 -8.34
CA GLN B 187 -18.85 -11.83 -9.33
C GLN B 187 -19.36 -13.11 -8.72
N GLY B 188 -19.27 -13.27 -7.39
CA GLY B 188 -19.89 -14.45 -6.72
C GLY B 188 -19.10 -15.74 -6.87
N ASP B 189 -17.80 -15.61 -7.06
CA ASP B 189 -16.97 -16.78 -7.21
C ASP B 189 -17.01 -17.59 -5.93
N PRO B 190 -17.58 -18.81 -5.96
CA PRO B 190 -17.71 -19.54 -4.68
C PRO B 190 -16.37 -19.90 -4.00
N GLY B 191 -15.30 -19.94 -4.80
CA GLY B 191 -14.02 -20.46 -4.39
C GLY B 191 -14.04 -21.96 -4.32
N PHE B 192 -13.02 -22.54 -3.73
CA PHE B 192 -12.96 -23.96 -3.50
C PHE B 192 -12.60 -24.31 -2.08
N ALA B 193 -13.18 -25.38 -1.59
CA ALA B 193 -12.90 -25.89 -0.25
C ALA B 193 -11.42 -26.18 -0.08
N GLN B 194 -10.87 -25.71 1.04
CA GLN B 194 -9.46 -25.89 1.29
C GLN B 194 -9.13 -27.38 1.20
N LEU B 195 -8.08 -27.68 0.44
CA LEU B 195 -7.68 -29.06 0.12
C LEU B 195 -6.29 -29.33 0.67
N GLY B 196 -6.13 -30.52 1.21
CA GLY B 196 -4.83 -30.98 1.69
C GLY B 196 -4.80 -31.03 3.19
N GLU B 197 -3.61 -31.36 3.71
CA GLU B 197 -3.41 -31.59 5.11
C GLU B 197 -3.20 -30.25 5.81
N ALA B 198 -3.93 -30.04 6.90
CA ALA B 198 -3.78 -28.85 7.70
C ALA B 198 -2.50 -28.94 8.52
N SER B 199 -2.12 -27.83 9.14
CA SER B 199 -1.10 -27.80 10.20
C SER B 199 -1.36 -26.57 11.02
N TYR B 200 -0.99 -26.61 12.30
CA TYR B 200 -1.42 -25.65 13.29
C TYR B 200 -0.28 -25.18 14.21
N TYR B 201 -0.26 -23.88 14.55
CA TYR B 201 0.83 -23.30 15.35
C TYR B 201 0.32 -22.25 16.34
N ALA B 202 0.60 -22.50 17.62
CA ALA B 202 -0.08 -21.83 18.74
C ALA B 202 0.11 -20.32 18.80
N ARG B 203 -0.77 -19.67 19.56
CA ARG B 203 -0.88 -18.20 19.60
C ARG B 203 0.45 -17.50 19.81
N GLU B 204 1.24 -17.98 20.77
CA GLU B 204 2.34 -17.21 21.33
C GLU B 204 3.62 -17.34 20.51
N LEU B 205 4.65 -16.62 20.93
CA LEU B 205 5.90 -16.54 20.21
C LEU B 205 6.58 -17.92 20.24
N PRO B 206 7.05 -18.39 19.08
CA PRO B 206 7.69 -19.70 19.04
C PRO B 206 8.84 -19.87 20.05
N PHE B 207 8.74 -20.96 20.81
CA PHE B 207 9.69 -21.37 21.85
C PHE B 207 9.98 -20.31 22.92
N GLY B 208 8.98 -19.46 23.16
CA GLY B 208 9.14 -18.23 23.94
C GLY B 208 10.26 -17.30 23.49
N GLY B 209 10.66 -17.37 22.22
CA GLY B 209 11.85 -16.66 21.74
C GLY B 209 13.21 -17.22 22.14
N VAL B 210 13.21 -18.39 22.77
CA VAL B 210 14.41 -18.91 23.43
C VAL B 210 15.02 -20.00 22.56
N ILE B 211 16.31 -19.88 22.29
CA ILE B 211 17.04 -20.93 21.64
C ILE B 211 17.15 -22.18 22.55
N ASP B 212 16.80 -23.34 21.99
CA ASP B 212 17.06 -24.64 22.61
C ASP B 212 18.50 -25.03 22.27
N PRO B 213 19.33 -25.26 23.29
CA PRO B 213 20.72 -25.64 22.97
C PRO B 213 20.86 -27.01 22.27
N ARG B 214 19.84 -27.86 22.42
CA ARG B 214 19.78 -29.17 21.78
C ARG B 214 19.56 -29.09 20.28
N TRP B 215 19.07 -27.96 19.78
CA TRP B 215 18.89 -27.80 18.33
C TRP B 215 20.18 -27.90 17.54
N SER B 216 20.06 -28.50 16.36
CA SER B 216 21.12 -28.44 15.33
C SER B 216 21.38 -27.03 14.87
N GLU B 217 22.52 -26.81 14.23
CA GLU B 217 22.91 -25.46 13.82
C GLU B 217 21.94 -24.85 12.81
N VAL B 218 21.61 -25.64 11.81
CA VAL B 218 20.52 -25.33 10.84
C VAL B 218 19.20 -24.88 11.52
N GLN B 219 18.72 -25.65 12.49
CA GLN B 219 17.58 -25.24 13.33
C GLN B 219 17.83 -23.90 14.02
N ILE B 220 19.02 -23.70 14.56
CA ILE B 220 19.35 -22.42 15.21
C ILE B 220 19.38 -21.27 14.18
N ASP B 221 19.92 -21.51 13.01
CA ASP B 221 20.03 -20.44 12.05
C ASP B 221 18.62 -19.99 11.67
N ARG B 222 17.81 -20.96 11.30
CA ARG B 222 16.40 -20.75 11.04
C ARG B 222 15.66 -19.98 12.17
N PHE B 223 15.84 -20.43 13.41
CA PHE B 223 15.19 -19.78 14.53
C PHE B 223 15.59 -18.32 14.72
N ILE B 224 16.88 -18.06 14.62
CA ILE B 224 17.40 -16.70 14.74
C ILE B 224 16.71 -15.78 13.73
N ARG B 225 16.70 -16.21 12.48
CA ARG B 225 16.06 -15.48 11.38
C ARG B 225 14.59 -15.31 11.56
N ALA B 226 13.94 -16.34 12.11
CA ALA B 226 12.53 -16.34 12.35
C ALA B 226 12.18 -15.41 13.45
N MET B 227 13.09 -15.20 14.40
CA MET B 227 12.88 -14.22 15.46
C MET B 227 13.26 -12.80 15.10
N PHE B 228 13.92 -12.58 13.99
CA PHE B 228 14.34 -11.23 13.62
C PHE B 228 13.16 -10.43 13.12
N PHE B 229 12.76 -9.43 13.90
CA PHE B 229 11.61 -8.59 13.57
C PHE B 229 11.66 -7.31 14.36
N PRO B 230 12.39 -6.31 13.87
CA PRO B 230 12.51 -5.03 14.60
C PRO B 230 11.15 -4.31 14.84
N PRO B 231 10.95 -3.66 16.00
CA PRO B 231 11.97 -3.47 17.02
C PRO B 231 11.91 -4.53 18.15
N PHE B 232 11.40 -5.72 17.88
CA PHE B 232 11.24 -6.72 18.94
C PHE B 232 12.59 -7.33 19.26
N PRO B 233 12.76 -7.81 20.49
CA PRO B 233 14.03 -8.47 20.80
C PRO B 233 14.32 -9.65 19.84
N PRO B 234 15.59 -9.90 19.56
CA PRO B 234 15.95 -11.06 18.75
C PRO B 234 15.84 -12.34 19.59
N ALA B 235 16.14 -13.47 18.97
CA ALA B 235 16.27 -14.73 19.70
C ALA B 235 17.19 -14.53 20.90
N VAL B 236 16.80 -15.15 22.02
CA VAL B 236 17.54 -15.22 23.26
C VAL B 236 18.27 -16.58 23.36
N LEU B 237 19.56 -16.50 23.68
CA LEU B 237 20.31 -17.64 24.19
C LEU B 237 20.59 -17.47 25.69
N LYS B 238 20.19 -18.45 26.49
CA LYS B 238 20.50 -18.45 27.92
C LYS B 238 21.81 -19.21 28.19
N ILE B 239 22.77 -18.55 28.85
CA ILE B 239 24.04 -19.18 29.24
C ILE B 239 24.43 -18.86 30.69
N ASP B 240 24.73 -19.92 31.44
CA ASP B 240 24.95 -19.88 32.91
C ASP B 240 23.76 -19.19 33.53
N GLY B 241 22.58 -19.77 33.26
CA GLY B 241 21.29 -19.24 33.69
C GLY B 241 21.18 -17.73 33.59
N LYS B 242 21.57 -17.20 32.43
CA LYS B 242 21.64 -15.77 32.19
C LYS B 242 21.27 -15.46 30.71
N VAL B 243 20.49 -14.39 30.47
CA VAL B 243 19.98 -14.01 29.12
C VAL B 243 21.04 -13.31 28.25
N TYR B 244 21.08 -13.66 26.96
CA TYR B 244 21.92 -12.98 25.93
C TYR B 244 21.08 -12.89 24.66
N TYR B 245 20.96 -11.69 24.11
CA TYR B 245 20.31 -11.50 22.80
C TYR B 245 21.33 -11.91 21.78
N VAL B 246 20.87 -12.57 20.71
CA VAL B 246 21.78 -12.95 19.64
C VAL B 246 22.03 -11.70 18.83
N PRO B 247 23.24 -11.62 18.18
CA PRO B 247 23.34 -10.56 17.18
C PRO B 247 22.30 -10.73 16.02
N SER B 248 22.03 -11.97 15.57
CA SER B 248 21.47 -12.31 14.22
C SER B 248 22.46 -12.10 13.03
#